data_6GO4
#
_entry.id   6GO4
#
_cell.length_a   46.970
_cell.length_b   85.620
_cell.length_c   114.910
_cell.angle_alpha   90.00
_cell.angle_beta   90.00
_cell.angle_gamma   90.00
#
_symmetry.space_group_name_H-M   'P 21 21 21'
#
loop_
_entity.id
_entity.type
_entity.pdbx_description
1 polymer 'DNA nucleotidylexotransferase,DNA-directed DNA/RNA polymerase mu,DNA nucleotidylexotransferase'
2 non-polymer 'SODIUM ION'
3 non-polymer 'MAGNESIUM ION'
4 non-polymer "2',3'-DIDEOXYCYTIDINE 5'-TRIPHOSPHATE"
5 water water
#
_entity_poly.entity_id   1
_entity_poly.type   'polypeptide(L)'
_entity_poly.pdbx_seq_one_letter_code
;MGSSHHHHHHSSGLVPRGSHMSPSPVPGSQNVPAPAVKKISQYACQRRTTLNNYNQLFTDALDILAENDELRENEGSCLA
FMRASSVLKSLPFPITSMKDTEGIPCLGDKVKSIIEGIIEDGESSEAKAVLNDERYKSFKLFTSVFGVGLKTAEKWFRMG
FRTLSKIQSDKSLRFTQMQKAGFLYYEDLVSCVNRPEAEAVSMLVKEAVVTFLPDALVTMTGGFRRGKMTGHDVDFLITS
PEATEDEEQQLLHKVTDFWKQQGLLLYHQYHRSHLADSAHNLRQRSSTMDVFERSFCILKLDHGRVHSEKSGQQEGKGWK
AIRVDLVMCPYDRRAFALLGWTGSRQFERDLRRYATHERKMMLDNHALYDRTKRVFLEAESEEEIFAHLGLDYIEPWERN
A
;
_entity_poly.pdbx_strand_id   A
#
# COMPACT_ATOMS: atom_id res chain seq x y z
N LYS A 38 -25.00 -2.37 -18.06
CA LYS A 38 -23.97 -1.88 -17.13
C LYS A 38 -22.55 -1.96 -17.75
N LYS A 39 -22.11 -0.87 -18.43
CA LYS A 39 -20.80 -0.81 -19.07
C LYS A 39 -19.72 -0.63 -18.00
N ILE A 40 -18.65 -1.46 -18.08
CA ILE A 40 -17.51 -1.43 -17.15
C ILE A 40 -16.76 -0.11 -17.26
N SER A 41 -16.68 0.60 -16.13
CA SER A 41 -15.98 1.87 -16.06
C SER A 41 -14.44 1.71 -16.10
N GLN A 42 -13.75 2.69 -16.71
CA GLN A 42 -12.27 2.71 -16.74
C GLN A 42 -11.70 3.02 -15.36
N TYR A 43 -12.55 3.52 -14.41
CA TYR A 43 -12.13 3.91 -13.07
C TYR A 43 -12.41 2.83 -12.06
N ALA A 44 -11.41 2.47 -11.24
CA ALA A 44 -11.52 1.46 -10.18
C ALA A 44 -12.50 1.92 -9.09
N CYS A 45 -12.64 3.26 -8.89
CA CYS A 45 -13.60 3.82 -7.92
C CYS A 45 -15.09 3.65 -8.38
N GLN A 46 -15.33 3.23 -9.63
CA GLN A 46 -16.67 2.93 -10.17
C GLN A 46 -16.81 1.43 -10.42
N ARG A 47 -15.94 0.62 -9.79
CA ARG A 47 -15.99 -0.83 -9.90
C ARG A 47 -15.93 -1.42 -8.50
N ARG A 48 -16.51 -2.61 -8.35
CA ARG A 48 -16.49 -3.39 -7.11
C ARG A 48 -15.45 -4.48 -7.34
N THR A 49 -14.35 -4.43 -6.59
CA THR A 49 -13.24 -5.38 -6.71
C THR A 49 -13.03 -6.12 -5.38
N THR A 50 -13.54 -7.34 -5.30
CA THR A 50 -13.39 -8.18 -4.11
C THR A 50 -12.11 -8.99 -4.29
N LEU A 51 -11.78 -9.88 -3.32
CA LEU A 51 -10.60 -10.71 -3.42
C LEU A 51 -10.88 -12.03 -4.19
N ASN A 52 -12.11 -12.18 -4.73
CA ASN A 52 -12.55 -13.31 -5.55
C ASN A 52 -12.16 -12.98 -6.99
N ASN A 53 -10.92 -13.30 -7.36
CA ASN A 53 -10.38 -13.01 -8.68
C ASN A 53 -10.52 -14.25 -9.58
N TYR A 54 -11.26 -14.12 -10.69
CA TYR A 54 -11.48 -15.19 -11.67
C TYR A 54 -10.41 -15.17 -12.75
N ASN A 55 -9.55 -14.14 -12.74
CA ASN A 55 -8.53 -14.02 -13.76
C ASN A 55 -7.10 -13.99 -13.23
N GLN A 56 -6.83 -14.70 -12.12
CA GLN A 56 -5.48 -14.73 -11.54
C GLN A 56 -4.34 -15.16 -12.55
N LEU A 57 -4.62 -16.04 -13.55
CA LEU A 57 -3.59 -16.41 -14.54
C LEU A 57 -3.14 -15.19 -15.35
N PHE A 58 -4.10 -14.33 -15.73
CA PHE A 58 -3.84 -13.10 -16.48
C PHE A 58 -3.26 -11.99 -15.63
N THR A 59 -3.85 -11.74 -14.44
CA THR A 59 -3.41 -10.64 -13.57
C THR A 59 -2.03 -10.91 -12.95
N ASP A 60 -1.68 -12.18 -12.69
CA ASP A 60 -0.36 -12.52 -12.14
C ASP A 60 0.74 -12.15 -13.15
N ALA A 61 0.48 -12.41 -14.44
CA ALA A 61 1.38 -12.08 -15.56
C ALA A 61 1.46 -10.58 -15.79
N LEU A 62 0.31 -9.86 -15.75
CA LEU A 62 0.28 -8.40 -15.90
C LEU A 62 1.00 -7.71 -14.75
N ASP A 63 0.92 -8.28 -13.54
CA ASP A 63 1.57 -7.74 -12.35
C ASP A 63 3.08 -7.84 -12.49
N ILE A 64 3.61 -8.98 -12.97
CA ILE A 64 5.06 -9.19 -13.24
C ILE A 64 5.54 -8.16 -14.29
N LEU A 65 4.78 -8.02 -15.40
CA LEU A 65 5.07 -7.09 -16.48
C LEU A 65 5.03 -5.63 -16.02
N ALA A 66 4.12 -5.30 -15.07
CA ALA A 66 4.01 -3.97 -14.47
C ALA A 66 5.24 -3.69 -13.59
N GLU A 67 5.62 -4.66 -12.74
CA GLU A 67 6.76 -4.61 -11.81
C GLU A 67 8.06 -4.46 -12.59
N ASN A 68 8.18 -5.15 -13.74
CA ASN A 68 9.33 -5.05 -14.61
C ASN A 68 9.52 -3.63 -15.15
N ASP A 69 8.40 -2.96 -15.53
CA ASP A 69 8.48 -1.59 -16.05
C ASP A 69 8.79 -0.61 -14.93
N GLU A 70 8.34 -0.90 -13.70
CA GLU A 70 8.61 -0.09 -12.52
C GLU A 70 10.11 -0.14 -12.21
N LEU A 71 10.67 -1.35 -12.01
CA LEU A 71 12.10 -1.57 -11.72
C LEU A 71 13.03 -1.02 -12.85
N ARG A 72 12.49 -0.82 -14.08
CA ARG A 72 13.18 -0.28 -15.26
C ARG A 72 12.74 1.16 -15.60
N GLU A 73 11.89 1.75 -14.73
CA GLU A 73 11.36 3.12 -14.78
C GLU A 73 10.64 3.51 -16.12
N ASN A 74 9.89 2.56 -16.72
CA ASN A 74 9.05 2.79 -17.91
C ASN A 74 7.63 2.96 -17.35
N GLU A 75 7.41 4.12 -16.70
CA GLU A 75 6.19 4.51 -15.97
C GLU A 75 4.89 4.43 -16.76
N GLY A 76 4.94 4.73 -18.05
CA GLY A 76 3.77 4.69 -18.92
C GLY A 76 3.28 3.29 -19.16
N SER A 77 4.21 2.40 -19.56
CA SER A 77 3.94 0.98 -19.80
C SER A 77 3.48 0.31 -18.48
N CYS A 78 4.08 0.70 -17.34
CA CYS A 78 3.78 0.20 -15.99
C CYS A 78 2.34 0.48 -15.61
N LEU A 79 1.90 1.74 -15.83
CA LEU A 79 0.57 2.22 -15.55
C LEU A 79 -0.47 1.50 -16.40
N ALA A 80 -0.15 1.26 -17.69
CA ALA A 80 -1.03 0.53 -18.60
C ALA A 80 -1.23 -0.92 -18.14
N PHE A 81 -0.13 -1.59 -17.66
CA PHE A 81 -0.22 -2.96 -17.14
C PHE A 81 -1.02 -3.01 -15.83
N MET A 82 -0.81 -2.03 -14.90
CA MET A 82 -1.53 -1.96 -13.63
C MET A 82 -3.04 -1.75 -13.85
N ARG A 83 -3.42 -0.84 -14.77
CA ARG A 83 -4.83 -0.55 -15.08
C ARG A 83 -5.52 -1.75 -15.72
N ALA A 84 -4.81 -2.51 -16.59
CA ALA A 84 -5.32 -3.72 -17.25
C ALA A 84 -5.55 -4.82 -16.20
N SER A 85 -4.56 -5.06 -15.33
CA SER A 85 -4.65 -6.05 -14.26
C SER A 85 -5.85 -5.75 -13.34
N SER A 86 -5.98 -4.50 -12.90
CA SER A 86 -7.05 -3.99 -12.01
C SER A 86 -8.44 -4.27 -12.57
N VAL A 87 -8.65 -3.98 -13.88
CA VAL A 87 -9.98 -4.19 -14.48
C VAL A 87 -10.28 -5.71 -14.57
N LEU A 88 -9.27 -6.56 -14.89
CA LEU A 88 -9.52 -8.01 -14.92
C LEU A 88 -9.85 -8.57 -13.52
N LYS A 89 -9.32 -7.93 -12.45
CA LYS A 89 -9.60 -8.37 -11.08
C LYS A 89 -11.06 -8.17 -10.70
N SER A 90 -11.75 -7.24 -11.40
CA SER A 90 -13.16 -6.91 -11.16
C SER A 90 -14.15 -7.83 -11.92
N LEU A 91 -13.69 -8.56 -12.92
CA LEU A 91 -14.57 -9.42 -13.71
C LEU A 91 -15.19 -10.56 -12.91
N PRO A 92 -16.50 -10.78 -13.09
CA PRO A 92 -17.19 -11.86 -12.34
C PRO A 92 -17.08 -13.23 -13.02
N PHE A 93 -16.24 -13.35 -14.05
CA PHE A 93 -16.06 -14.56 -14.83
C PHE A 93 -14.64 -14.68 -15.37
N PRO A 94 -14.13 -15.91 -15.62
CA PRO A 94 -12.80 -16.03 -16.21
C PRO A 94 -12.81 -15.76 -17.70
N ILE A 95 -11.81 -15.04 -18.23
CA ILE A 95 -11.67 -14.87 -19.69
C ILE A 95 -11.29 -16.26 -20.26
N THR A 96 -11.98 -16.72 -21.31
CA THR A 96 -11.67 -18.01 -21.95
C THR A 96 -11.41 -17.85 -23.45
N SER A 97 -11.78 -16.70 -24.00
CA SER A 97 -11.59 -16.35 -25.41
C SER A 97 -11.48 -14.84 -25.51
N MET A 98 -10.95 -14.34 -26.64
CA MET A 98 -10.80 -12.91 -26.89
C MET A 98 -12.14 -12.19 -27.07
N LYS A 99 -13.23 -12.93 -27.29
CA LYS A 99 -14.60 -12.42 -27.39
C LYS A 99 -15.06 -11.88 -26.02
N ASP A 100 -14.56 -12.50 -24.92
CA ASP A 100 -14.85 -12.09 -23.54
C ASP A 100 -14.29 -10.69 -23.20
N THR A 101 -13.23 -10.24 -23.90
CA THR A 101 -12.61 -8.91 -23.69
C THR A 101 -13.40 -7.75 -24.32
N GLU A 102 -14.46 -8.06 -25.09
CA GLU A 102 -15.30 -7.05 -25.76
C GLU A 102 -16.03 -6.17 -24.76
N GLY A 103 -15.84 -4.86 -24.90
CA GLY A 103 -16.43 -3.86 -24.02
C GLY A 103 -15.63 -3.55 -22.78
N ILE A 104 -14.56 -4.33 -22.49
CA ILE A 104 -13.70 -4.11 -21.32
C ILE A 104 -12.74 -2.92 -21.54
N PRO A 105 -12.76 -1.86 -20.69
CA PRO A 105 -11.81 -0.76 -20.88
C PRO A 105 -10.39 -1.13 -20.41
N CYS A 106 -9.42 -0.23 -20.68
CA CYS A 106 -8.02 -0.35 -20.23
C CYS A 106 -7.25 -1.57 -20.82
N LEU A 107 -7.71 -2.14 -21.95
CA LEU A 107 -7.02 -3.27 -22.56
C LEU A 107 -6.46 -2.92 -23.94
N GLY A 108 -5.22 -2.43 -23.96
CA GLY A 108 -4.52 -2.07 -25.18
C GLY A 108 -4.05 -3.25 -25.99
N ASP A 109 -3.40 -2.97 -27.14
CA ASP A 109 -2.85 -3.96 -28.06
C ASP A 109 -1.82 -4.88 -27.41
N LYS A 110 -0.88 -4.30 -26.64
CA LYS A 110 0.15 -5.06 -25.93
C LYS A 110 -0.47 -6.04 -24.94
N VAL A 111 -1.39 -5.53 -24.07
CA VAL A 111 -2.11 -6.28 -23.04
C VAL A 111 -2.91 -7.42 -23.66
N LYS A 112 -3.54 -7.13 -24.82
CA LYS A 112 -4.34 -8.10 -25.56
C LYS A 112 -3.53 -9.27 -26.08
N SER A 113 -2.27 -9.01 -26.53
CA SER A 113 -1.39 -10.10 -27.01
C SER A 113 -0.92 -10.94 -25.84
N ILE A 114 -0.76 -10.32 -24.63
CA ILE A 114 -0.43 -11.02 -23.37
C ILE A 114 -1.56 -12.01 -23.04
N ILE A 115 -2.84 -11.50 -23.00
CA ILE A 115 -4.08 -12.24 -22.73
C ILE A 115 -4.19 -13.41 -23.75
N GLU A 116 -4.03 -13.12 -25.06
CA GLU A 116 -4.03 -14.15 -26.13
C GLU A 116 -3.05 -15.29 -25.82
N GLY A 117 -1.82 -14.94 -25.43
CA GLY A 117 -0.76 -15.88 -25.10
C GLY A 117 -1.12 -16.84 -23.98
N ILE A 118 -1.87 -16.34 -22.97
CA ILE A 118 -2.34 -17.12 -21.83
C ILE A 118 -3.51 -18.04 -22.24
N ILE A 119 -4.45 -17.55 -23.09
CA ILE A 119 -5.59 -18.35 -23.56
C ILE A 119 -5.11 -19.65 -24.26
N GLU A 120 -4.13 -19.53 -25.18
CA GLU A 120 -3.55 -20.63 -25.98
C GLU A 120 -2.72 -21.67 -25.21
N ASP A 121 -1.72 -21.21 -24.44
CA ASP A 121 -0.74 -22.02 -23.69
C ASP A 121 -1.06 -22.24 -22.21
N GLY A 122 -1.76 -21.30 -21.60
CA GLY A 122 -2.04 -21.29 -20.17
C GLY A 122 -0.89 -20.63 -19.44
N GLU A 123 0.00 -19.97 -20.20
CA GLU A 123 1.19 -19.30 -19.68
C GLU A 123 1.56 -18.11 -20.54
N SER A 124 2.22 -17.12 -19.93
CA SER A 124 2.69 -15.92 -20.62
C SER A 124 4.19 -16.05 -20.93
N SER A 125 4.55 -16.04 -22.23
CA SER A 125 5.95 -16.11 -22.68
C SER A 125 6.68 -14.83 -22.25
N GLU A 126 5.98 -13.67 -22.32
CA GLU A 126 6.51 -12.36 -21.92
C GLU A 126 6.85 -12.32 -20.42
N ALA A 127 5.93 -12.79 -19.57
CA ALA A 127 6.14 -12.78 -18.11
C ALA A 127 7.21 -13.79 -17.70
N LYS A 128 7.31 -14.92 -18.44
CA LYS A 128 8.32 -15.97 -18.20
C LYS A 128 9.70 -15.42 -18.46
N ALA A 129 9.87 -14.67 -19.57
CA ALA A 129 11.14 -14.01 -19.92
C ALA A 129 11.58 -13.03 -18.82
N VAL A 130 10.62 -12.25 -18.24
CA VAL A 130 10.86 -11.30 -17.15
C VAL A 130 11.37 -12.05 -15.90
N LEU A 131 10.70 -13.17 -15.54
CA LEU A 131 11.09 -13.99 -14.38
C LEU A 131 12.47 -14.62 -14.55
N ASN A 132 12.90 -14.80 -15.80
CA ASN A 132 14.21 -15.36 -16.15
C ASN A 132 15.27 -14.27 -16.36
N ASP A 133 14.85 -12.99 -16.38
CA ASP A 133 15.71 -11.84 -16.56
C ASP A 133 16.53 -11.57 -15.30
N GLU A 134 17.87 -11.47 -15.47
CA GLU A 134 18.82 -11.24 -14.39
C GLU A 134 18.69 -9.89 -13.72
N ARG A 135 18.32 -8.85 -14.47
CA ARG A 135 18.13 -7.52 -13.89
C ARG A 135 16.85 -7.56 -13.04
N TYR A 136 15.74 -8.18 -13.57
CA TYR A 136 14.50 -8.30 -12.80
C TYR A 136 14.73 -9.12 -11.54
N LYS A 137 15.39 -10.30 -11.66
CA LYS A 137 15.69 -11.17 -10.52
C LYS A 137 16.49 -10.46 -9.45
N SER A 138 17.55 -9.73 -9.85
CA SER A 138 18.38 -8.99 -8.90
C SER A 138 17.62 -7.85 -8.24
N PHE A 139 16.92 -7.03 -9.04
CA PHE A 139 16.14 -5.88 -8.54
C PHE A 139 15.02 -6.30 -7.60
N LYS A 140 14.36 -7.45 -7.85
CA LYS A 140 13.31 -8.01 -7.02
C LYS A 140 13.89 -8.50 -5.67
N LEU A 141 15.07 -9.11 -5.71
CA LEU A 141 15.75 -9.65 -4.54
C LEU A 141 16.37 -8.56 -3.65
N PHE A 142 16.99 -7.55 -4.27
CA PHE A 142 17.65 -6.46 -3.56
C PHE A 142 16.61 -5.52 -2.90
N THR A 143 15.52 -5.17 -3.64
CA THR A 143 14.45 -4.32 -3.08
C THR A 143 13.59 -5.04 -2.03
N SER A 144 13.66 -6.39 -1.93
CA SER A 144 12.95 -7.15 -0.91
C SER A 144 13.64 -6.95 0.47
N VAL A 145 14.79 -6.24 0.46
CA VAL A 145 15.47 -5.85 1.70
C VAL A 145 14.90 -4.49 2.06
N PHE A 146 14.33 -4.38 3.25
CA PHE A 146 13.76 -3.14 3.77
C PHE A 146 14.88 -2.09 3.86
N GLY A 147 14.67 -0.93 3.23
CA GLY A 147 15.65 0.15 3.16
C GLY A 147 16.35 0.25 1.82
N VAL A 148 16.15 -0.75 0.94
CA VAL A 148 16.76 -0.77 -0.39
C VAL A 148 15.74 -0.37 -1.48
N GLY A 149 16.00 0.76 -2.11
CA GLY A 149 15.21 1.28 -3.22
C GLY A 149 15.94 1.06 -4.52
N LEU A 150 15.35 1.54 -5.62
CA LEU A 150 15.84 1.40 -6.99
C LEU A 150 17.28 1.84 -7.21
N LYS A 151 17.69 2.98 -6.60
CA LYS A 151 19.04 3.54 -6.70
C LYS A 151 20.10 2.61 -6.11
N THR A 152 19.85 2.03 -4.91
CA THR A 152 20.80 1.13 -4.26
C THR A 152 20.82 -0.22 -4.99
N ALA A 153 19.64 -0.71 -5.44
CA ALA A 153 19.52 -1.96 -6.19
C ALA A 153 20.33 -1.90 -7.50
N GLU A 154 20.19 -0.80 -8.29
CA GLU A 154 20.93 -0.55 -9.55
C GLU A 154 22.43 -0.49 -9.35
N LYS A 155 22.87 0.16 -8.27
CA LYS A 155 24.25 0.33 -7.84
C LYS A 155 24.88 -1.05 -7.56
N TRP A 156 24.19 -1.90 -6.79
CA TRP A 156 24.67 -3.25 -6.47
C TRP A 156 24.75 -4.11 -7.71
N PHE A 157 23.73 -4.03 -8.60
CA PHE A 157 23.69 -4.75 -9.88
C PHE A 157 24.85 -4.37 -10.82
N ARG A 158 25.20 -3.08 -10.91
CA ARG A 158 26.30 -2.61 -11.77
C ARG A 158 27.69 -2.87 -11.15
N MET A 159 27.74 -3.28 -9.87
CA MET A 159 28.97 -3.71 -9.21
C MET A 159 29.11 -5.25 -9.44
N GLY A 160 28.16 -5.84 -10.15
CA GLY A 160 28.13 -7.27 -10.45
C GLY A 160 27.54 -8.16 -9.36
N PHE A 161 26.90 -7.59 -8.34
CA PHE A 161 26.26 -8.37 -7.26
C PHE A 161 24.94 -9.02 -7.72
N ARG A 162 24.70 -10.27 -7.35
CA ARG A 162 23.47 -11.00 -7.73
C ARG A 162 22.80 -11.68 -6.54
N THR A 163 23.52 -11.84 -5.42
CA THR A 163 22.94 -12.49 -4.25
C THR A 163 23.09 -11.59 -3.02
N LEU A 164 22.21 -11.79 -2.02
CA LEU A 164 22.24 -11.02 -0.78
C LEU A 164 23.41 -11.43 0.11
N SER A 165 23.90 -12.66 -0.06
CA SER A 165 25.03 -13.21 0.68
C SER A 165 26.30 -12.41 0.36
N LYS A 166 26.50 -12.10 -0.94
CA LYS A 166 27.66 -11.37 -1.44
C LYS A 166 27.64 -9.93 -0.95
N ILE A 167 26.44 -9.29 -0.95
CA ILE A 167 26.22 -7.91 -0.44
C ILE A 167 26.60 -7.80 1.05
N GLN A 168 26.03 -8.66 1.88
CA GLN A 168 26.22 -8.69 3.34
C GLN A 168 27.61 -9.01 3.80
N SER A 169 28.37 -9.81 3.01
CA SER A 169 29.75 -10.16 3.35
C SER A 169 30.78 -9.23 2.70
N ASP A 170 30.35 -8.35 1.77
CA ASP A 170 31.29 -7.42 1.10
C ASP A 170 31.91 -6.45 2.11
N LYS A 171 33.24 -6.36 2.12
CA LYS A 171 34.00 -5.51 3.06
C LYS A 171 33.86 -4.00 2.84
N SER A 172 33.62 -3.57 1.58
CA SER A 172 33.62 -2.17 1.16
C SER A 172 32.28 -1.46 1.17
N LEU A 173 31.17 -2.21 1.10
CA LEU A 173 29.82 -1.63 1.09
C LEU A 173 29.46 -0.97 2.39
N ARG A 174 28.70 0.11 2.30
CA ARG A 174 28.22 0.83 3.49
C ARG A 174 26.70 0.88 3.47
N PHE A 175 26.07 0.56 4.63
CA PHE A 175 24.61 0.49 4.72
C PHE A 175 24.01 1.56 5.57
N THR A 176 22.86 2.10 5.14
CA THR A 176 22.10 3.09 5.91
C THR A 176 21.48 2.35 7.11
N GLN A 177 21.10 3.11 8.17
CA GLN A 177 20.47 2.54 9.37
C GLN A 177 19.23 1.69 9.02
N MET A 178 18.42 2.18 8.06
CA MET A 178 17.21 1.49 7.58
C MET A 178 17.59 0.14 6.92
N GLN A 179 18.68 0.11 6.12
CA GLN A 179 19.17 -1.09 5.42
C GLN A 179 19.70 -2.14 6.39
N LYS A 180 20.38 -1.68 7.48
CA LYS A 180 20.87 -2.53 8.56
C LYS A 180 19.68 -3.27 9.24
N ALA A 181 18.56 -2.54 9.50
CA ALA A 181 17.35 -3.13 10.09
C ALA A 181 16.79 -4.15 9.09
N GLY A 182 16.76 -3.76 7.81
CA GLY A 182 16.33 -4.61 6.70
C GLY A 182 17.05 -5.93 6.62
N PHE A 183 18.39 -5.92 6.79
CA PHE A 183 19.19 -7.13 6.79
C PHE A 183 19.04 -7.96 8.08
N LEU A 184 19.02 -7.29 9.25
CA LEU A 184 18.88 -7.94 10.55
C LEU A 184 17.57 -8.72 10.71
N TYR A 185 16.48 -8.15 10.21
CA TYR A 185 15.14 -8.72 10.32
C TYR A 185 14.64 -9.20 8.96
N TYR A 186 15.57 -9.58 8.03
CA TYR A 186 15.21 -9.99 6.67
C TYR A 186 14.12 -11.05 6.57
N GLU A 187 14.31 -12.20 7.21
CA GLU A 187 13.42 -13.37 7.13
C GLU A 187 12.03 -13.10 7.68
N ASP A 188 11.93 -12.42 8.83
CA ASP A 188 10.64 -12.04 9.42
C ASP A 188 9.90 -11.08 8.52
N LEU A 189 10.59 -10.10 7.94
CA LEU A 189 10.01 -9.10 7.06
C LEU A 189 9.59 -9.64 5.68
N VAL A 190 10.32 -10.64 5.08
CA VAL A 190 9.90 -11.24 3.79
C VAL A 190 8.68 -12.11 3.98
N SER A 191 8.60 -12.75 5.15
CA SER A 191 7.47 -13.54 5.62
C SER A 191 6.38 -12.49 5.83
N CYS A 192 5.22 -12.66 5.23
CA CYS A 192 4.29 -11.56 5.42
C CYS A 192 3.54 -11.58 6.78
N VAL A 193 2.78 -10.53 7.09
CA VAL A 193 2.01 -10.44 8.34
C VAL A 193 0.68 -11.12 8.10
N ASN A 194 0.20 -11.95 9.03
CA ASN A 194 -1.13 -12.56 8.87
C ASN A 194 -2.16 -11.81 9.74
N ARG A 195 -3.48 -12.10 9.61
CA ARG A 195 -4.52 -11.40 10.39
C ARG A 195 -4.33 -11.59 11.91
N PRO A 196 -4.09 -12.80 12.46
CA PRO A 196 -3.82 -12.91 13.92
C PRO A 196 -2.67 -12.02 14.42
N GLU A 197 -1.58 -11.83 13.61
CA GLU A 197 -0.46 -10.96 13.97
C GLU A 197 -0.88 -9.50 13.93
N ALA A 198 -1.68 -9.13 12.90
CA ALA A 198 -2.19 -7.77 12.73
C ALA A 198 -3.06 -7.35 13.94
N GLU A 199 -3.89 -8.27 14.47
CA GLU A 199 -4.72 -8.01 15.64
C GLU A 199 -3.88 -7.93 16.91
N ALA A 200 -2.78 -8.72 16.99
CA ALA A 200 -1.88 -8.62 18.16
C ALA A 200 -1.16 -7.23 18.18
N VAL A 201 -0.82 -6.71 16.99
CA VAL A 201 -0.17 -5.39 16.83
C VAL A 201 -1.19 -4.31 17.20
N SER A 202 -2.47 -4.41 16.67
CA SER A 202 -3.56 -3.50 17.01
C SER A 202 -3.73 -3.32 18.51
N MET A 203 -3.64 -4.42 19.28
CA MET A 203 -3.72 -4.43 20.74
C MET A 203 -2.57 -3.62 21.35
N LEU A 204 -1.34 -3.75 20.82
CA LEU A 204 -0.19 -3.00 21.33
C LEU A 204 -0.32 -1.53 20.98
N VAL A 205 -0.86 -1.23 19.77
CA VAL A 205 -1.05 0.15 19.30
C VAL A 205 -2.07 0.86 20.20
N LYS A 206 -3.26 0.26 20.40
CA LYS A 206 -4.30 0.82 21.27
C LYS A 206 -3.74 1.09 22.68
N GLU A 207 -3.09 0.07 23.29
CA GLU A 207 -2.50 0.07 24.62
C GLU A 207 -1.50 1.23 24.81
N ALA A 208 -0.69 1.50 23.77
CA ALA A 208 0.30 2.55 23.76
C ALA A 208 -0.38 3.91 23.68
N VAL A 209 -1.25 4.09 22.67
CA VAL A 209 -1.96 5.31 22.38
C VAL A 209 -2.77 5.83 23.58
N VAL A 210 -3.67 4.99 24.18
CA VAL A 210 -4.58 5.35 25.28
C VAL A 210 -3.83 5.78 26.56
N THR A 211 -2.54 5.43 26.70
CA THR A 211 -1.68 5.85 27.82
C THR A 211 -1.55 7.40 27.79
N PHE A 212 -1.47 7.98 26.56
CA PHE A 212 -1.27 9.41 26.33
C PHE A 212 -2.55 10.13 25.90
N LEU A 213 -3.46 9.44 25.19
CA LEU A 213 -4.75 9.97 24.74
C LEU A 213 -5.84 8.91 24.96
N PRO A 214 -6.47 8.88 26.15
CA PRO A 214 -7.50 7.85 26.42
C PRO A 214 -8.75 7.86 25.54
N ASP A 215 -9.04 8.99 24.85
CA ASP A 215 -10.21 9.12 23.96
C ASP A 215 -9.89 8.86 22.47
N ALA A 216 -8.63 8.53 22.15
CA ALA A 216 -8.21 8.30 20.77
C ALA A 216 -8.85 7.07 20.12
N LEU A 217 -9.22 7.23 18.85
CA LEU A 217 -9.81 6.19 18.01
C LEU A 217 -8.72 5.62 17.10
N VAL A 218 -8.45 4.31 17.23
CA VAL A 218 -7.44 3.56 16.50
C VAL A 218 -8.15 2.66 15.47
N THR A 219 -7.93 2.89 14.18
CA THR A 219 -8.49 2.08 13.09
C THR A 219 -7.39 1.43 12.26
N MET A 220 -7.51 0.10 12.06
CA MET A 220 -6.59 -0.63 11.20
C MET A 220 -6.99 -0.25 9.77
N THR A 221 -6.03 0.22 8.96
CA THR A 221 -6.30 0.62 7.57
C THR A 221 -5.61 -0.37 6.60
N GLY A 222 -5.18 0.10 5.42
CA GLY A 222 -4.50 -0.71 4.41
C GLY A 222 -5.27 -1.95 4.00
N GLY A 223 -4.51 -2.95 3.57
CA GLY A 223 -5.00 -4.23 3.08
C GLY A 223 -5.87 -4.98 4.04
N PHE A 224 -5.48 -5.05 5.33
CA PHE A 224 -6.30 -5.74 6.34
C PHE A 224 -7.73 -5.16 6.49
N ARG A 225 -7.94 -3.83 6.33
CA ARG A 225 -9.29 -3.23 6.36
C ARG A 225 -10.08 -3.67 5.09
N ARG A 226 -9.38 -3.99 3.98
CA ARG A 226 -10.03 -4.42 2.73
C ARG A 226 -10.34 -5.94 2.70
N GLY A 227 -10.06 -6.64 3.79
CA GLY A 227 -10.33 -8.06 3.90
C GLY A 227 -9.15 -8.96 3.56
N LYS A 228 -7.95 -8.37 3.37
CA LYS A 228 -6.80 -9.20 3.05
C LYS A 228 -6.43 -10.09 4.24
N MET A 229 -6.03 -11.33 3.93
CA MET A 229 -5.60 -12.37 4.87
C MET A 229 -4.17 -12.09 5.32
N THR A 230 -3.39 -11.39 4.47
CA THR A 230 -1.97 -11.07 4.70
C THR A 230 -1.65 -9.63 4.29
N GLY A 231 -0.48 -9.16 4.70
CA GLY A 231 0.01 -7.83 4.37
C GLY A 231 1.51 -7.72 4.56
N HIS A 232 2.12 -6.74 3.87
CA HIS A 232 3.56 -6.49 3.97
CA HIS A 232 3.56 -6.47 3.97
C HIS A 232 3.85 -5.76 5.29
N ASP A 233 2.83 -5.07 5.82
CA ASP A 233 2.87 -4.31 7.07
C ASP A 233 1.45 -4.33 7.72
N VAL A 234 1.29 -3.61 8.83
CA VAL A 234 0.01 -3.37 9.49
C VAL A 234 -0.17 -1.85 9.55
N ASP A 235 -1.19 -1.32 8.86
CA ASP A 235 -1.45 0.12 8.82
C ASP A 235 -2.50 0.53 9.84
N PHE A 236 -2.31 1.73 10.45
CA PHE A 236 -3.20 2.33 11.43
C PHE A 236 -3.40 3.81 11.23
N LEU A 237 -4.62 4.26 11.52
CA LEU A 237 -5.02 5.65 11.57
C LEU A 237 -5.46 5.95 13.00
N ILE A 238 -4.84 6.97 13.61
CA ILE A 238 -5.12 7.40 14.97
C ILE A 238 -5.65 8.84 14.92
N THR A 239 -6.77 9.08 15.59
CA THR A 239 -7.37 10.41 15.69
C THR A 239 -8.04 10.57 17.04
N SER A 240 -8.10 11.81 17.54
CA SER A 240 -8.71 12.07 18.82
C SER A 240 -9.70 13.25 18.76
N PRO A 241 -10.94 13.05 19.26
CA PRO A 241 -11.92 14.17 19.29
C PRO A 241 -11.52 15.39 20.15
N GLU A 242 -10.71 15.20 21.22
CA GLU A 242 -10.35 16.28 22.15
C GLU A 242 -8.86 16.71 22.16
N ALA A 243 -7.98 16.04 21.38
CA ALA A 243 -6.56 16.38 21.34
C ALA A 243 -6.30 17.78 20.77
N THR A 244 -5.35 18.51 21.37
CA THR A 244 -4.94 19.85 20.93
C THR A 244 -3.94 19.67 19.79
N GLU A 245 -3.62 20.75 19.06
CA GLU A 245 -2.64 20.73 17.96
C GLU A 245 -1.27 20.20 18.45
N ASP A 246 -0.84 20.61 19.67
CA ASP A 246 0.41 20.16 20.29
C ASP A 246 0.30 18.69 20.73
N GLU A 247 -0.85 18.28 21.30
CA GLU A 247 -1.13 16.91 21.78
C GLU A 247 -1.09 15.90 20.61
N GLU A 248 -1.78 16.22 19.49
CA GLU A 248 -1.80 15.37 18.31
C GLU A 248 -0.43 15.35 17.59
N GLN A 249 0.31 16.48 17.63
CA GLN A 249 1.64 16.61 17.04
C GLN A 249 2.73 15.89 17.84
N GLN A 250 2.43 15.54 19.12
CA GLN A 250 3.38 14.87 20.01
C GLN A 250 3.06 13.39 20.27
N LEU A 251 1.80 12.96 20.04
CA LEU A 251 1.35 11.59 20.33
C LEU A 251 2.27 10.50 19.74
N LEU A 252 2.55 10.52 18.42
CA LEU A 252 3.41 9.52 17.77
C LEU A 252 4.79 9.38 18.43
N HIS A 253 5.40 10.51 18.85
CA HIS A 253 6.69 10.53 19.56
C HIS A 253 6.59 9.85 20.93
N LYS A 254 5.45 10.03 21.64
CA LYS A 254 5.20 9.40 22.94
C LYS A 254 5.04 7.89 22.81
N VAL A 255 4.25 7.44 21.81
CA VAL A 255 3.98 6.05 21.48
C VAL A 255 5.28 5.27 21.16
N THR A 256 6.21 5.87 20.38
CA THR A 256 7.46 5.16 20.05
C THR A 256 8.40 5.14 21.26
N ASP A 257 8.46 6.25 22.04
CA ASP A 257 9.27 6.31 23.27
C ASP A 257 8.81 5.20 24.23
N PHE A 258 7.47 5.05 24.39
CA PHE A 258 6.84 4.02 25.21
C PHE A 258 7.31 2.62 24.78
N TRP A 259 7.29 2.32 23.45
CA TRP A 259 7.72 1.03 22.91
C TRP A 259 9.21 0.82 23.07
N LYS A 260 10.01 1.89 22.91
CA LYS A 260 11.47 1.88 23.12
C LYS A 260 11.72 1.50 24.59
N GLN A 261 10.95 2.10 25.54
CA GLN A 261 11.04 1.85 26.98
C GLN A 261 10.58 0.43 27.35
N GLN A 262 9.63 -0.14 26.57
CA GLN A 262 9.08 -1.49 26.77
C GLN A 262 9.96 -2.59 26.12
N GLY A 263 10.97 -2.16 25.37
CA GLY A 263 11.89 -3.05 24.65
C GLY A 263 11.26 -3.69 23.42
N LEU A 264 10.31 -2.98 22.76
CA LEU A 264 9.60 -3.50 21.58
C LEU A 264 9.99 -2.82 20.27
N LEU A 265 10.74 -1.70 20.34
CA LEU A 265 11.12 -0.95 19.16
C LEU A 265 12.44 -1.46 18.61
N LEU A 266 12.41 -1.94 17.37
CA LEU A 266 13.58 -2.48 16.68
C LEU A 266 14.11 -1.45 15.70
N TYR A 267 13.21 -0.60 15.19
CA TYR A 267 13.54 0.46 14.24
C TYR A 267 12.39 1.44 14.16
N HIS A 268 12.70 2.72 13.90
CA HIS A 268 11.68 3.72 13.69
C HIS A 268 12.15 4.86 12.78
N GLN A 269 11.19 5.49 12.08
CA GLN A 269 11.39 6.64 11.19
C GLN A 269 10.15 7.53 11.23
N TYR A 270 10.31 8.79 11.70
CA TYR A 270 9.23 9.77 11.78
C TYR A 270 9.07 10.49 10.45
N HIS A 271 7.83 10.86 10.13
CA HIS A 271 7.49 11.62 8.95
C HIS A 271 6.64 12.80 9.40
N ARG A 272 7.20 14.01 9.31
CA ARG A 272 6.54 15.25 9.71
C ARG A 272 5.32 15.51 8.84
N SER A 273 4.31 16.22 9.39
CA SER A 273 3.10 16.56 8.65
C SER A 273 3.37 17.65 7.63
N HIS A 274 2.64 17.62 6.49
CA HIS A 274 2.77 18.59 5.41
C HIS A 274 1.41 19.23 5.11
N LEU A 275 0.58 19.39 6.16
CA LEU A 275 -0.75 19.99 6.07
C LEU A 275 -0.72 21.47 5.68
N ALA A 276 0.36 22.20 6.05
CA ALA A 276 0.53 23.62 5.69
C ALA A 276 1.02 23.77 4.23
N ASP A 277 1.49 22.66 3.64
CA ASP A 277 1.99 22.56 2.27
C ASP A 277 1.08 21.67 1.39
N SER A 278 -0.11 21.30 1.93
CA SER A 278 -1.12 20.44 1.28
C SER A 278 -1.61 20.93 -0.10
N ALA A 279 -1.41 22.24 -0.42
CA ALA A 279 -1.78 22.85 -1.71
C ALA A 279 -0.99 22.28 -2.89
N HIS A 280 0.07 21.50 -2.60
CA HIS A 280 0.86 20.76 -3.58
C HIS A 280 -0.02 19.69 -4.25
N ASN A 281 -1.10 19.26 -3.57
CA ASN A 281 -2.06 18.27 -4.08
C ASN A 281 -3.21 18.93 -4.86
N LEU A 282 -3.20 20.27 -4.94
CA LEU A 282 -4.17 21.05 -5.70
C LEU A 282 -3.52 21.43 -7.05
N ARG A 283 -3.27 20.39 -7.89
CA ARG A 283 -2.69 20.42 -9.25
C ARG A 283 -2.56 18.99 -9.81
N SER A 287 0.02 10.26 -8.34
CA SER A 287 0.27 10.03 -6.91
C SER A 287 -0.06 11.27 -6.06
N THR A 288 -0.11 11.12 -4.72
CA THR A 288 -0.33 12.23 -3.79
C THR A 288 0.88 12.47 -2.91
N MET A 289 0.97 13.70 -2.40
CA MET A 289 1.97 14.04 -1.42
C MET A 289 1.31 13.76 -0.05
N ASP A 290 2.02 13.00 0.81
CA ASP A 290 1.56 12.69 2.16
C ASP A 290 1.50 13.98 2.99
N VAL A 291 0.37 14.17 3.70
CA VAL A 291 0.11 15.38 4.50
C VAL A 291 0.11 15.13 6.01
N PHE A 292 -0.14 13.90 6.46
CA PHE A 292 -0.20 13.65 7.89
C PHE A 292 1.10 13.18 8.50
N GLU A 293 1.29 13.51 9.78
CA GLU A 293 2.44 13.02 10.53
C GLU A 293 2.31 11.48 10.61
N ARG A 294 3.43 10.82 10.45
CA ARG A 294 3.46 9.38 10.43
C ARG A 294 4.64 8.90 11.17
N SER A 295 4.49 7.77 11.82
CA SER A 295 5.58 7.09 12.48
C SER A 295 5.62 5.68 11.93
N PHE A 296 6.74 5.36 11.29
CA PHE A 296 6.94 4.03 10.78
C PHE A 296 7.80 3.28 11.77
N CYS A 297 7.36 2.09 12.20
CA CYS A 297 8.09 1.29 13.19
C CYS A 297 8.30 -0.12 12.71
N ILE A 298 9.27 -0.78 13.34
CA ILE A 298 9.52 -2.21 13.25
C ILE A 298 9.37 -2.63 14.70
N LEU A 299 8.39 -3.53 14.95
CA LEU A 299 8.05 -3.98 16.30
C LEU A 299 8.41 -5.42 16.56
N LYS A 300 8.83 -5.70 17.80
CA LYS A 300 9.13 -7.03 18.28
C LYS A 300 7.78 -7.53 18.83
N LEU A 301 7.21 -8.55 18.15
CA LEU A 301 5.92 -9.14 18.49
C LEU A 301 6.11 -10.54 19.02
N ASP A 302 6.05 -10.70 20.35
CA ASP A 302 6.21 -12.02 21.00
C ASP A 302 5.07 -12.96 20.59
N HIS A 303 5.41 -14.25 20.31
CA HIS A 303 4.45 -15.30 19.91
C HIS A 303 3.23 -15.44 20.86
N GLY A 304 3.46 -15.26 22.17
CA GLY A 304 2.44 -15.37 23.21
C GLY A 304 1.28 -14.39 23.08
N ARG A 305 1.48 -13.30 22.33
CA ARG A 305 0.48 -12.26 22.08
C ARG A 305 -0.42 -12.60 20.89
N VAL A 306 0.02 -13.55 20.06
CA VAL A 306 -0.68 -13.95 18.82
C VAL A 306 -1.61 -15.13 19.13
N HIS A 307 -2.93 -14.95 18.87
CA HIS A 307 -3.97 -15.97 19.09
C HIS A 307 -4.39 -16.59 17.76
N SER A 308 -3.61 -17.58 17.31
CA SER A 308 -3.82 -18.25 16.03
C SER A 308 -3.97 -19.75 16.24
N GLU A 309 -4.11 -20.52 15.15
CA GLU A 309 -4.24 -21.99 15.19
C GLU A 309 -2.89 -22.64 15.53
N LYS A 310 -1.78 -21.92 15.30
CA LYS A 310 -0.41 -22.38 15.57
C LYS A 310 -0.12 -22.38 17.07
N GLU A 315 9.38 -23.76 17.62
CA GLU A 315 9.23 -22.36 17.19
C GLU A 315 10.58 -21.65 17.01
N GLY A 316 11.46 -21.75 18.00
CA GLY A 316 12.77 -21.12 18.00
C GLY A 316 12.80 -19.90 18.91
N LYS A 317 13.03 -18.71 18.32
CA LYS A 317 13.04 -17.44 19.05
C LYS A 317 11.58 -16.95 19.02
N GLY A 318 10.98 -16.88 20.21
CA GLY A 318 9.56 -16.58 20.39
C GLY A 318 9.07 -15.18 20.06
N TRP A 319 9.54 -14.57 18.95
CA TRP A 319 9.11 -13.24 18.49
C TRP A 319 9.36 -13.03 17.00
N LYS A 320 8.62 -12.07 16.42
CA LYS A 320 8.69 -11.73 15.00
C LYS A 320 8.71 -10.20 14.81
N ALA A 321 9.58 -9.71 13.92
CA ALA A 321 9.68 -8.29 13.55
C ALA A 321 8.53 -7.98 12.57
N ILE A 322 7.78 -6.92 12.86
CA ILE A 322 6.64 -6.52 12.05
C ILE A 322 6.74 -5.04 11.63
N ARG A 323 6.43 -4.74 10.36
CA ARG A 323 6.38 -3.37 9.90
CA ARG A 323 6.37 -3.37 9.87
C ARG A 323 5.03 -2.79 10.34
N VAL A 324 5.05 -1.65 11.05
CA VAL A 324 3.86 -0.98 11.57
C VAL A 324 3.87 0.47 11.07
N ASP A 325 2.82 0.86 10.36
CA ASP A 325 2.68 2.23 9.87
C ASP A 325 1.58 2.99 10.66
N LEU A 326 1.98 3.96 11.48
CA LEU A 326 1.03 4.74 12.30
C LEU A 326 0.84 6.14 11.75
N VAL A 327 -0.40 6.47 11.36
CA VAL A 327 -0.77 7.78 10.82
C VAL A 327 -1.62 8.53 11.87
N MET A 328 -1.28 9.80 12.15
CA MET A 328 -2.03 10.64 13.09
C MET A 328 -2.63 11.81 12.30
N CYS A 329 -3.94 12.00 12.41
CA CYS A 329 -4.62 13.04 11.67
C CYS A 329 -5.50 13.92 12.55
N PRO A 330 -5.68 15.23 12.20
CA PRO A 330 -6.61 16.07 12.97
C PRO A 330 -8.02 15.51 12.76
N TYR A 331 -8.82 15.52 13.85
CA TYR A 331 -10.15 14.93 13.91
C TYR A 331 -11.09 15.29 12.75
N ASP A 332 -11.15 16.57 12.31
CA ASP A 332 -12.07 16.94 11.22
C ASP A 332 -11.66 16.38 9.82
N ARG A 333 -10.41 15.91 9.66
CA ARG A 333 -9.87 15.33 8.41
C ARG A 333 -9.94 13.77 8.38
N ARG A 334 -10.43 13.13 9.46
CA ARG A 334 -10.41 11.67 9.65
C ARG A 334 -11.10 10.85 8.53
N ALA A 335 -12.18 11.37 7.90
CA ALA A 335 -12.87 10.66 6.83
C ALA A 335 -12.00 10.58 5.58
N PHE A 336 -11.29 11.67 5.27
CA PHE A 336 -10.38 11.78 4.12
C PHE A 336 -9.15 10.90 4.35
N ALA A 337 -8.64 10.89 5.59
CA ALA A 337 -7.48 10.09 5.99
C ALA A 337 -7.80 8.59 5.88
N LEU A 338 -8.99 8.17 6.37
CA LEU A 338 -9.46 6.79 6.32
C LEU A 338 -9.62 6.34 4.85
N LEU A 339 -10.22 7.19 4.00
CA LEU A 339 -10.37 6.84 2.60
C LEU A 339 -8.99 6.67 1.93
N GLY A 340 -8.08 7.61 2.20
CA GLY A 340 -6.74 7.61 1.64
C GLY A 340 -5.85 6.48 2.10
N TRP A 341 -5.94 6.09 3.38
CA TRP A 341 -5.08 5.04 3.92
C TRP A 341 -5.65 3.60 3.81
N THR A 342 -6.92 3.46 3.38
CA THR A 342 -7.56 2.14 3.19
C THR A 342 -7.06 1.48 1.90
N GLY A 343 -6.87 2.31 0.86
CA GLY A 343 -6.45 1.86 -0.46
C GLY A 343 -7.54 1.10 -1.20
N SER A 344 -7.18 0.18 -2.14
CA SER A 344 -5.84 -0.13 -2.63
C SER A 344 -5.17 1.06 -3.33
N ARG A 345 -3.87 0.93 -3.61
CA ARG A 345 -3.10 1.96 -4.32
C ARG A 345 -3.76 2.35 -5.67
N GLN A 346 -4.26 1.37 -6.44
CA GLN A 346 -4.97 1.66 -7.70
C GLN A 346 -6.30 2.36 -7.48
N PHE A 347 -7.05 1.95 -6.42
CA PHE A 347 -8.32 2.55 -6.05
C PHE A 347 -8.10 4.05 -5.78
N GLU A 348 -7.02 4.40 -5.04
CA GLU A 348 -6.64 5.80 -4.72
C GLU A 348 -6.33 6.61 -5.95
N ARG A 349 -5.50 6.03 -6.86
CA ARG A 349 -5.10 6.67 -8.12
C ARG A 349 -6.34 7.01 -8.96
N ASP A 350 -7.30 6.08 -9.05
CA ASP A 350 -8.53 6.26 -9.82
C ASP A 350 -9.51 7.21 -9.15
N LEU A 351 -9.58 7.23 -7.81
CA LEU A 351 -10.42 8.21 -7.07
C LEU A 351 -9.98 9.64 -7.43
N ARG A 352 -8.67 9.87 -7.43
CA ARG A 352 -8.05 11.16 -7.71
C ARG A 352 -8.21 11.58 -9.18
N ARG A 353 -7.95 10.63 -10.11
CA ARG A 353 -8.08 10.79 -11.56
C ARG A 353 -9.55 11.13 -11.89
N TYR A 354 -10.50 10.37 -11.29
CA TYR A 354 -11.94 10.60 -11.46
C TYR A 354 -12.36 11.99 -10.96
N ALA A 355 -11.99 12.36 -9.73
CA ALA A 355 -12.31 13.68 -9.13
C ALA A 355 -11.88 14.82 -10.08
N THR A 356 -10.65 14.76 -10.62
CA THR A 356 -10.11 15.77 -11.52
C THR A 356 -10.77 15.80 -12.90
N HIS A 357 -10.77 14.66 -13.60
CA HIS A 357 -11.25 14.58 -14.97
C HIS A 357 -12.76 14.62 -15.10
N GLU A 358 -13.50 14.03 -14.14
CA GLU A 358 -14.97 13.99 -14.23
C GLU A 358 -15.71 15.00 -13.38
N ARG A 359 -15.13 15.46 -12.26
CA ARG A 359 -15.88 16.35 -11.39
C ARG A 359 -15.24 17.72 -11.13
N LYS A 360 -14.07 18.02 -11.78
CA LYS A 360 -13.32 19.28 -11.59
C LYS A 360 -13.10 19.55 -10.08
N MET A 361 -12.78 18.45 -9.34
CA MET A 361 -12.50 18.41 -7.91
C MET A 361 -11.09 17.92 -7.69
N MET A 362 -10.49 18.30 -6.57
CA MET A 362 -9.13 17.92 -6.20
C MET A 362 -9.20 17.19 -4.86
N LEU A 363 -8.91 15.90 -4.89
CA LEU A 363 -8.95 15.03 -3.73
C LEU A 363 -7.55 14.66 -3.31
N ASP A 364 -7.32 14.63 -2.00
CA ASP A 364 -6.07 14.16 -1.39
C ASP A 364 -6.40 13.51 -0.06
N ASN A 365 -5.40 13.08 0.70
CA ASN A 365 -5.66 12.36 1.96
C ASN A 365 -6.25 13.21 3.09
N HIS A 366 -6.34 14.57 2.97
CA HIS A 366 -6.93 15.39 4.02
C HIS A 366 -8.18 16.17 3.61
N ALA A 367 -8.48 16.31 2.29
CA ALA A 367 -9.60 17.16 1.88
C ALA A 367 -10.04 16.92 0.45
N LEU A 368 -11.19 17.53 0.11
CA LEU A 368 -11.81 17.52 -1.22
C LEU A 368 -12.20 18.95 -1.58
N TYR A 369 -11.54 19.47 -2.62
CA TYR A 369 -11.74 20.84 -3.08
C TYR A 369 -12.51 20.88 -4.39
N ASP A 370 -13.57 21.70 -4.44
CA ASP A 370 -14.43 21.89 -5.61
C ASP A 370 -13.95 23.17 -6.33
N ARG A 371 -13.28 23.00 -7.48
CA ARG A 371 -12.70 24.10 -8.26
C ARG A 371 -13.73 25.06 -8.82
N THR A 372 -14.93 24.58 -9.14
CA THR A 372 -16.01 25.41 -9.67
C THR A 372 -16.63 26.31 -8.60
N LYS A 373 -17.05 25.71 -7.48
CA LYS A 373 -17.68 26.41 -6.36
C LYS A 373 -16.67 27.14 -5.48
N ARG A 374 -15.34 26.85 -5.63
CA ARG A 374 -14.24 27.48 -4.89
C ARG A 374 -14.36 27.24 -3.36
N VAL A 375 -14.75 26.02 -3.01
CA VAL A 375 -14.98 25.59 -1.62
C VAL A 375 -14.45 24.17 -1.35
N PHE A 376 -14.03 23.93 -0.10
CA PHE A 376 -13.71 22.59 0.36
C PHE A 376 -15.03 21.96 0.81
N LEU A 377 -15.23 20.67 0.49
CA LEU A 377 -16.45 19.95 0.85
C LEU A 377 -16.16 19.14 2.11
N GLU A 378 -17.01 19.27 3.13
CA GLU A 378 -16.79 18.59 4.40
C GLU A 378 -17.39 17.20 4.39
N ALA A 379 -16.83 16.29 5.20
CA ALA A 379 -17.29 14.90 5.30
C ALA A 379 -16.92 14.36 6.67
N GLU A 380 -17.87 13.71 7.33
CA GLU A 380 -17.64 13.07 8.62
C GLU A 380 -17.57 11.54 8.40
N SER A 381 -17.74 11.09 7.14
CA SER A 381 -17.69 9.67 6.75
C SER A 381 -17.17 9.47 5.31
N GLU A 382 -16.73 8.24 4.98
CA GLU A 382 -16.30 7.86 3.61
C GLU A 382 -17.52 7.96 2.69
N GLU A 383 -18.71 7.54 3.18
CA GLU A 383 -20.00 7.60 2.49
C GLU A 383 -20.25 9.04 1.94
N GLU A 384 -20.07 10.07 2.78
CA GLU A 384 -20.23 11.49 2.39
C GLU A 384 -19.22 11.93 1.31
N ILE A 385 -17.96 11.43 1.35
CA ILE A 385 -16.97 11.72 0.32
C ILE A 385 -17.44 11.15 -1.04
N PHE A 386 -17.87 9.85 -1.08
CA PHE A 386 -18.37 9.19 -2.30
C PHE A 386 -19.57 9.97 -2.86
N ALA A 387 -20.51 10.40 -1.97
CA ALA A 387 -21.69 11.19 -2.37
C ALA A 387 -21.28 12.53 -2.98
N HIS A 388 -20.32 13.26 -2.34
CA HIS A 388 -19.77 14.52 -2.89
C HIS A 388 -19.20 14.33 -4.32
N LEU A 389 -18.53 13.18 -4.56
CA LEU A 389 -17.97 12.82 -5.85
C LEU A 389 -18.99 12.34 -6.88
N GLY A 390 -20.23 12.08 -6.45
CA GLY A 390 -21.26 11.53 -7.33
C GLY A 390 -20.95 10.07 -7.66
N LEU A 391 -20.38 9.36 -6.68
CA LEU A 391 -20.00 7.96 -6.79
C LEU A 391 -20.87 7.11 -5.90
N ASP A 392 -21.33 5.94 -6.40
CA ASP A 392 -22.04 4.94 -5.59
C ASP A 392 -21.03 4.47 -4.56
N TYR A 393 -21.45 4.32 -3.28
CA TYR A 393 -20.53 3.90 -2.22
C TYR A 393 -19.90 2.55 -2.51
N ILE A 394 -18.56 2.45 -2.32
CA ILE A 394 -17.81 1.20 -2.50
C ILE A 394 -17.32 0.78 -1.11
N GLU A 395 -17.67 -0.44 -0.67
CA GLU A 395 -17.27 -0.98 0.63
C GLU A 395 -15.74 -1.18 0.67
N PRO A 396 -15.05 -1.12 1.85
CA PRO A 396 -13.59 -1.37 1.86
C PRO A 396 -13.18 -2.70 1.21
N TRP A 397 -13.99 -3.77 1.38
CA TRP A 397 -13.68 -5.09 0.78
C TRP A 397 -13.90 -5.14 -0.75
N GLU A 398 -14.46 -4.05 -1.33
CA GLU A 398 -14.69 -3.90 -2.76
C GLU A 398 -13.69 -2.92 -3.38
N ARG A 399 -12.67 -2.54 -2.61
CA ARG A 399 -11.63 -1.61 -3.02
C ARG A 399 -10.31 -2.31 -3.34
N ASN A 400 -10.36 -3.63 -3.62
CA ASN A 400 -9.15 -4.38 -3.93
C ASN A 400 -8.74 -4.29 -5.41
N ALA A 401 -8.75 -3.07 -5.96
CA ALA A 401 -8.41 -2.78 -7.34
C ALA A 401 -6.92 -2.93 -7.60
#